data_8QOO
#
_entry.id   8QOO
#
_cell.length_a   36.069
_cell.length_b   73.637
_cell.length_c   55.378
_cell.angle_alpha   90.00
_cell.angle_beta   95.38
_cell.angle_gamma   90.00
#
_symmetry.space_group_name_H-M   'P 1 21 1'
#
loop_
_entity.id
_entity.type
_entity.pdbx_description
1 polymer 'NAD-dependent protein deacetylase sirtuin-2'
2 polymer 'Peptide-based pseudo-inhibitor TNFn-4.1'
3 non-polymer 'ZINC ION'
4 non-polymer (R,R)-2,3-BUTANEDIOL
5 non-polymer 1,2-ETHANEDIOL
6 non-polymer '(2S,3S)-3-dodecylsulfanyl-2-methyl-butanoic acid'
7 non-polymer '(2S,3R)-3-dodecylsulfanyl-2-methyl-butanoic acid'
8 water water
#
loop_
_entity_poly.entity_id
_entity_poly.type
_entity_poly.pdbx_seq_one_letter_code
_entity_poly.pdbx_strand_id
1 'polypeptide(L)'
;GHMERLLDELTLEGVARYMQSERCRRVICLVGAGISTSAGIPDFRSPSTGLYDNLEKYHLPYPEAIFEISYFKKHPEPFF
ALAKELYPGQFKPTICHYFMRLLKDKGLLLRCYTQNIDTLERIAGLEQEDLVEAHGTFYTSHCVSASCRHEYPLSWMKEK
IFSEVTPKCEDCQSLVKPDIVFFGESLPARFFSCMQSDFLKVDLLLVMGTSLQVQPFASLISKAPLSTPRLLINKEKAGQ
SDPFLGMIMGLGGGMDFDSKKAYRDVAWLGECDQGCLALAELLGWKKELEDLVRREHASIDAQS
;
A
2 'polypeptide(L)' EALPKK(NIY)GG(NH2) B
#
# COMPACT_ATOMS: atom_id res chain seq x y z
N GLU A 4 0.90 -24.22 -22.77
CA GLU A 4 1.82 -24.39 -21.66
C GLU A 4 1.70 -23.25 -20.66
N ARG A 5 0.70 -22.39 -20.83
CA ARG A 5 0.58 -21.23 -19.97
C ARG A 5 -0.87 -20.74 -19.93
N LEU A 6 -1.21 -20.04 -18.85
CA LEU A 6 -2.56 -19.53 -18.70
C LEU A 6 -2.83 -18.29 -19.54
N LEU A 7 -1.82 -17.46 -19.79
CA LEU A 7 -1.99 -16.30 -20.65
C LEU A 7 -1.79 -16.72 -22.10
N ASP A 8 -2.71 -16.31 -22.97
CA ASP A 8 -2.52 -16.64 -24.38
C ASP A 8 -1.43 -15.79 -25.02
N GLU A 9 -1.12 -14.63 -24.46
CA GLU A 9 0.02 -13.83 -24.87
C GLU A 9 0.41 -12.93 -23.71
N LEU A 10 1.68 -12.52 -23.70
CA LEU A 10 2.24 -11.77 -22.57
C LEU A 10 2.06 -10.26 -22.80
N THR A 11 0.79 -9.86 -22.77
CA THR A 11 0.38 -8.49 -23.00
C THR A 11 -0.79 -8.15 -22.09
N LEU A 12 -1.12 -6.86 -22.00
CA LEU A 12 -2.32 -6.48 -21.26
C LEU A 12 -3.57 -7.13 -21.87
N GLU A 13 -3.63 -7.24 -23.20
CA GLU A 13 -4.76 -7.90 -23.83
C GLU A 13 -4.84 -9.37 -23.42
N GLY A 14 -3.69 -10.03 -23.33
CA GLY A 14 -3.69 -11.40 -22.82
C GLY A 14 -4.20 -11.49 -21.40
N VAL A 15 -3.80 -10.54 -20.54
CA VAL A 15 -4.28 -10.55 -19.16
C VAL A 15 -5.78 -10.32 -19.12
N ALA A 16 -6.29 -9.37 -19.92
CA ALA A 16 -7.73 -9.10 -19.89
C ALA A 16 -8.53 -10.32 -20.33
N ARG A 17 -8.09 -11.00 -21.39
CA ARG A 17 -8.79 -12.22 -21.81
C ARG A 17 -8.76 -13.27 -20.72
N TYR A 18 -7.62 -13.40 -20.04
CA TYR A 18 -7.54 -14.34 -18.92
C TYR A 18 -8.50 -13.95 -17.80
N MET A 19 -8.60 -12.65 -17.49
CA MET A 19 -9.50 -12.21 -16.44
C MET A 19 -10.96 -12.49 -16.75
N GLN A 20 -11.32 -12.59 -18.02
CA GLN A 20 -12.71 -12.87 -18.34
C GLN A 20 -12.92 -14.33 -18.72
N SER A 21 -11.92 -15.18 -18.50
CA SER A 21 -12.05 -16.62 -18.65
C SER A 21 -12.49 -17.26 -17.33
N GLU A 22 -12.93 -18.52 -17.43
CA GLU A 22 -13.38 -19.27 -16.26
C GLU A 22 -12.28 -19.48 -15.24
N ARG A 23 -11.02 -19.44 -15.65
CA ARG A 23 -9.90 -19.76 -14.77
C ARG A 23 -9.57 -18.66 -13.78
N CYS A 24 -9.91 -17.42 -14.08
CA CYS A 24 -9.47 -16.29 -13.26
C CYS A 24 -10.61 -15.92 -12.33
N ARG A 25 -10.50 -16.37 -11.08
CA ARG A 25 -11.54 -16.14 -10.09
C ARG A 25 -11.08 -15.25 -8.96
N ARG A 26 -9.79 -15.29 -8.62
CA ARG A 26 -9.30 -14.67 -7.39
C ARG A 26 -8.07 -13.84 -7.67
N VAL A 27 -8.18 -12.53 -7.46
CA VAL A 27 -7.11 -11.59 -7.77
C VAL A 27 -6.54 -11.08 -6.46
N ILE A 28 -5.21 -11.08 -6.34
CA ILE A 28 -4.53 -10.38 -5.26
C ILE A 28 -3.85 -9.17 -5.88
N CYS A 29 -4.09 -8.00 -5.27
CA CYS A 29 -3.38 -6.77 -5.63
C CYS A 29 -2.27 -6.53 -4.64
N LEU A 30 -1.10 -6.17 -5.14
CA LEU A 30 0.04 -5.72 -4.35
C LEU A 30 0.31 -4.29 -4.78
N VAL A 31 0.14 -3.34 -3.86
CA VAL A 31 0.21 -1.93 -4.25
C VAL A 31 1.16 -1.18 -3.35
N GLY A 32 1.84 -0.20 -3.95
CA GLY A 32 2.76 0.67 -3.25
C GLY A 32 2.53 2.14 -3.54
N ALA A 33 3.56 2.94 -3.28
CA ALA A 33 3.43 4.38 -3.30
C ALA A 33 3.02 4.91 -4.66
N GLY A 34 3.33 4.15 -5.72
CA GLY A 34 3.02 4.58 -7.07
C GLY A 34 1.54 4.73 -7.35
N ILE A 35 0.67 4.11 -6.53
CA ILE A 35 -0.76 4.27 -6.75
C ILE A 35 -1.33 5.46 -6.03
N SER A 36 -0.54 6.16 -5.20
CA SER A 36 -1.05 7.32 -4.49
C SER A 36 -0.36 8.63 -4.86
N THR A 37 0.69 8.59 -5.67
CA THR A 37 1.36 9.84 -6.04
C THR A 37 0.44 10.74 -6.86
N SER A 38 -0.47 10.17 -7.67
CA SER A 38 -1.38 11.03 -8.43
C SER A 38 -2.48 11.63 -7.56
N ALA A 39 -2.64 11.14 -6.33
CA ALA A 39 -3.51 11.74 -5.32
C ALA A 39 -2.78 12.78 -4.50
N GLY A 40 -1.50 13.04 -4.80
CA GLY A 40 -0.72 14.02 -4.07
C GLY A 40 0.05 13.48 -2.89
N ILE A 41 0.02 12.17 -2.66
CA ILE A 41 0.73 11.56 -1.53
C ILE A 41 2.14 11.23 -1.99
N PRO A 42 3.18 11.79 -1.37
CA PRO A 42 4.54 11.47 -1.79
C PRO A 42 4.96 10.08 -1.32
N ASP A 43 5.95 9.51 -2.02
CA ASP A 43 6.53 8.23 -1.63
C ASP A 43 7.39 8.43 -0.38
N PHE A 44 6.94 7.89 0.75
CA PHE A 44 7.63 8.10 2.02
C PHE A 44 8.90 7.28 2.18
N ARG A 45 9.18 6.35 1.25
CA ARG A 45 10.41 5.58 1.28
C ARG A 45 11.35 5.98 0.15
N SER A 46 11.11 7.15 -0.46
CA SER A 46 11.95 7.67 -1.54
C SER A 46 12.88 8.75 -1.01
N PRO A 47 14.19 8.64 -1.23
CA PRO A 47 15.10 9.71 -0.80
C PRO A 47 14.77 11.06 -1.42
N SER A 48 14.19 11.09 -2.62
CA SER A 48 13.82 12.34 -3.26
CA SER A 48 13.83 12.35 -3.24
C SER A 48 12.73 13.08 -2.49
N THR A 49 11.98 12.37 -1.63
CA THR A 49 10.99 13.04 -0.78
C THR A 49 11.65 13.90 0.30
N GLY A 50 12.89 13.59 0.67
CA GLY A 50 13.60 14.43 1.62
C GLY A 50 13.09 14.34 3.05
N LEU A 51 12.60 13.18 3.46
CA LEU A 51 12.14 13.02 4.85
C LEU A 51 13.29 13.22 5.83
N TYR A 52 14.47 12.72 5.50
CA TYR A 52 15.63 12.79 6.38
C TYR A 52 16.41 14.10 6.24
N ASP A 53 15.92 15.04 5.45
CA ASP A 53 16.44 16.40 5.39
C ASP A 53 15.66 17.30 6.33
N ASN A 54 16.25 18.44 6.68
CA ASN A 54 15.60 19.45 7.53
C ASN A 54 15.18 18.89 8.88
N LEU A 55 15.97 17.96 9.41
CA LEU A 55 15.73 17.40 10.73
C LEU A 55 16.61 18.03 11.80
N GLU A 56 17.29 19.12 11.46
CA GLU A 56 18.38 19.60 12.31
C GLU A 56 17.88 20.09 13.66
N LYS A 57 16.77 20.82 13.69
CA LYS A 57 16.30 21.41 14.94
C LYS A 57 15.90 20.37 15.98
N TYR A 58 15.78 19.11 15.58
CA TYR A 58 15.36 18.02 16.46
C TYR A 58 16.53 17.29 17.11
N HIS A 59 17.75 17.51 16.65
CA HIS A 59 18.95 16.99 17.30
C HIS A 59 18.85 15.48 17.54
N LEU A 60 18.59 14.77 16.47
CA LEU A 60 18.43 13.32 16.51
C LEU A 60 19.79 12.64 16.58
N PRO A 61 19.88 11.51 17.28
CA PRO A 61 21.17 10.79 17.31
C PRO A 61 21.54 10.21 15.96
N TYR A 62 20.54 9.94 15.12
CA TYR A 62 20.72 9.55 13.73
C TYR A 62 19.43 9.90 13.00
N PRO A 63 19.48 10.20 11.70
CA PRO A 63 18.28 10.70 11.02
C PRO A 63 17.10 9.77 11.10
N GLU A 64 17.33 8.46 11.03
CA GLU A 64 16.26 7.47 11.01
C GLU A 64 15.55 7.37 12.36
N ALA A 65 16.09 8.00 13.41
CA ALA A 65 15.48 7.89 14.73
C ALA A 65 14.07 8.46 14.74
N ILE A 66 13.76 9.41 13.84
CA ILE A 66 12.44 10.01 13.84
C ILE A 66 11.36 8.98 13.49
N PHE A 67 11.73 7.85 12.89
CA PHE A 67 10.77 6.78 12.61
C PHE A 67 11.09 5.50 13.36
N GLU A 68 11.91 5.54 14.41
CA GLU A 68 12.21 4.36 15.21
C GLU A 68 11.35 4.39 16.47
N ILE A 69 10.80 3.23 16.84
CA ILE A 69 9.77 3.20 17.86
C ILE A 69 10.31 3.63 19.22
N SER A 70 11.52 3.18 19.59
CA SER A 70 12.02 3.49 20.93
C SER A 70 12.31 4.97 21.07
N TYR A 71 12.84 5.59 20.02
CA TYR A 71 13.09 7.03 20.07
C TYR A 71 11.77 7.80 20.11
N PHE A 72 10.82 7.41 19.25
CA PHE A 72 9.51 8.07 19.23
C PHE A 72 8.86 8.06 20.61
N LYS A 73 8.94 6.94 21.34
CA LYS A 73 8.22 6.84 22.60
C LYS A 73 8.80 7.76 23.67
N LYS A 74 10.08 8.12 23.56
CA LYS A 74 10.67 9.07 24.49
C LYS A 74 10.66 10.50 23.96
N HIS A 75 10.66 10.68 22.65
CA HIS A 75 10.70 12.00 22.03
C HIS A 75 9.80 12.01 20.81
N PRO A 76 8.48 12.10 21.02
CA PRO A 76 7.53 12.00 19.90
C PRO A 76 7.36 13.30 19.13
N GLU A 77 7.80 14.43 19.68
CA GLU A 77 7.52 15.72 19.06
C GLU A 77 8.10 15.84 17.66
N PRO A 78 9.33 15.40 17.37
CA PRO A 78 9.81 15.50 15.98
C PRO A 78 8.91 14.79 14.98
N PHE A 79 8.48 13.56 15.28
CA PHE A 79 7.61 12.85 14.36
C PHE A 79 6.32 13.63 14.11
N PHE A 80 5.71 14.16 15.16
CA PHE A 80 4.42 14.82 14.98
C PHE A 80 4.56 16.18 14.32
N ALA A 81 5.70 16.83 14.50
CA ALA A 81 5.96 18.07 13.76
C ALA A 81 6.10 17.78 12.28
N LEU A 82 6.82 16.70 11.95
CA LEU A 82 6.93 16.29 10.55
C LEU A 82 5.57 15.86 10.00
N ALA A 83 4.76 15.17 10.81
CA ALA A 83 3.44 14.73 10.32
C ALA A 83 2.55 15.92 9.96
N LYS A 84 2.65 17.03 10.72
CA LYS A 84 1.87 18.20 10.36
C LYS A 84 2.34 18.79 9.04
N GLU A 85 3.66 18.86 8.87
CA GLU A 85 4.23 19.37 7.61
C GLU A 85 3.75 18.56 6.41
N LEU A 86 3.70 17.23 6.53
CA LEU A 86 3.38 16.38 5.39
C LEU A 86 1.90 16.01 5.28
N TYR A 87 1.05 16.47 6.19
CA TYR A 87 -0.32 15.98 6.20
C TYR A 87 -1.04 16.37 4.92
N PRO A 88 -1.65 15.42 4.21
CA PRO A 88 -2.26 15.74 2.92
C PRO A 88 -3.35 16.79 3.05
N GLY A 89 -3.46 17.63 2.01
CA GLY A 89 -4.52 18.62 1.96
C GLY A 89 -5.87 18.07 1.59
N GLN A 90 -5.90 16.89 0.98
CA GLN A 90 -7.15 16.22 0.63
C GLN A 90 -6.84 14.73 0.54
N PHE A 91 -7.87 13.91 0.76
CA PHE A 91 -7.75 12.45 0.65
C PHE A 91 -8.68 12.00 -0.47
N LYS A 92 -8.21 12.06 -1.70
CA LYS A 92 -9.02 11.68 -2.84
C LYS A 92 -8.38 10.47 -3.51
N PRO A 93 -8.94 9.27 -3.38
CA PRO A 93 -8.32 8.10 -3.99
C PRO A 93 -8.26 8.21 -5.50
N THR A 94 -7.33 7.47 -6.09
CA THR A 94 -7.06 7.52 -7.52
C THR A 94 -7.91 6.52 -8.29
N ILE A 95 -7.87 6.67 -9.62
CA ILE A 95 -8.48 5.67 -10.50
C ILE A 95 -8.06 4.26 -10.12
N CYS A 96 -6.79 4.09 -9.74
CA CYS A 96 -6.29 2.78 -9.36
CA CYS A 96 -6.29 2.77 -9.34
C CYS A 96 -7.02 2.25 -8.12
N HIS A 97 -7.18 3.08 -7.09
CA HIS A 97 -7.93 2.66 -5.92
C HIS A 97 -9.35 2.23 -6.29
N TYR A 98 -10.03 3.01 -7.14
CA TYR A 98 -11.40 2.66 -7.48
C TYR A 98 -11.46 1.45 -8.40
N PHE A 99 -10.41 1.21 -9.21
CA PHE A 99 -10.33 -0.04 -9.94
C PHE A 99 -10.38 -1.23 -8.99
N MET A 100 -9.66 -1.14 -7.87
CA MET A 100 -9.72 -2.22 -6.90
C MET A 100 -11.09 -2.33 -6.27
N ARG A 101 -11.79 -1.22 -6.06
CA ARG A 101 -13.17 -1.30 -5.61
C ARG A 101 -14.04 -2.03 -6.63
N LEU A 102 -13.83 -1.79 -7.92
CA LEU A 102 -14.59 -2.54 -8.92
C LEU A 102 -14.29 -4.03 -8.85
N LEU A 103 -13.02 -4.41 -8.66
CA LEU A 103 -12.70 -5.82 -8.47
C LEU A 103 -13.48 -6.40 -7.31
N LYS A 104 -13.55 -5.67 -6.20
CA LYS A 104 -14.33 -6.11 -5.05
C LYS A 104 -15.80 -6.27 -5.41
N ASP A 105 -16.36 -5.26 -6.09
CA ASP A 105 -17.78 -5.30 -6.46
C ASP A 105 -18.11 -6.52 -7.28
N LYS A 106 -17.18 -6.93 -8.14
CA LYS A 106 -17.41 -8.03 -9.06
C LYS A 106 -17.02 -9.38 -8.49
N GLY A 107 -16.69 -9.45 -7.20
CA GLY A 107 -16.40 -10.71 -6.55
C GLY A 107 -15.04 -11.27 -6.89
N LEU A 108 -14.13 -10.46 -7.42
CA LEU A 108 -12.84 -10.92 -7.89
C LEU A 108 -11.69 -10.66 -6.93
N LEU A 109 -11.87 -9.79 -5.95
CA LEU A 109 -10.76 -9.35 -5.10
C LEU A 109 -10.60 -10.32 -3.92
N LEU A 110 -9.51 -11.10 -3.94
CA LEU A 110 -9.18 -11.92 -2.78
C LEU A 110 -8.56 -11.07 -1.68
N ARG A 111 -7.62 -10.20 -2.05
CA ARG A 111 -6.97 -9.37 -1.04
C ARG A 111 -6.18 -8.28 -1.74
N CYS A 112 -6.09 -7.13 -1.07
CA CYS A 112 -5.19 -6.06 -1.43
C CYS A 112 -4.14 -5.95 -0.33
N TYR A 113 -2.90 -6.24 -0.67
CA TYR A 113 -1.75 -5.99 0.19
C TYR A 113 -1.17 -4.64 -0.17
N THR A 114 -1.10 -3.72 0.80
CA THR A 114 -0.64 -2.37 0.52
C THR A 114 0.53 -1.99 1.42
N GLN A 115 1.51 -1.30 0.83
CA GLN A 115 2.60 -0.69 1.57
C GLN A 115 2.23 0.71 2.06
N ASN A 116 1.08 1.22 1.66
CA ASN A 116 0.74 2.62 1.88
C ASN A 116 0.04 2.80 3.21
N ILE A 117 0.21 4.00 3.78
CA ILE A 117 -0.35 4.35 5.08
C ILE A 117 -1.42 5.43 4.96
N ASP A 118 -1.80 5.81 3.75
CA ASP A 118 -2.59 7.02 3.50
C ASP A 118 -4.10 6.83 3.62
N THR A 119 -4.58 5.61 3.86
CA THR A 119 -5.99 5.27 4.04
C THR A 119 -6.82 5.32 2.75
N LEU A 120 -6.21 5.60 1.60
CA LEU A 120 -7.00 5.81 0.40
C LEU A 120 -7.72 4.53 -0.04
N GLU A 121 -7.17 3.35 0.25
CA GLU A 121 -7.89 2.12 -0.08
C GLU A 121 -9.23 2.06 0.64
N ARG A 122 -9.25 2.48 1.91
CA ARG A 122 -10.46 2.45 2.69
C ARG A 122 -11.45 3.50 2.23
N ILE A 123 -10.98 4.69 1.92
CA ILE A 123 -11.86 5.74 1.40
C ILE A 123 -12.51 5.30 0.10
N ALA A 124 -11.75 4.57 -0.74
CA ALA A 124 -12.25 4.07 -2.02
C ALA A 124 -13.23 2.91 -1.85
N GLY A 125 -13.39 2.39 -0.64
CA GLY A 125 -14.42 1.38 -0.42
C GLY A 125 -13.91 -0.01 -0.19
N LEU A 126 -12.60 -0.22 -0.03
CA LEU A 126 -12.12 -1.51 0.44
C LEU A 126 -12.31 -1.60 1.94
N GLU A 127 -12.76 -2.76 2.40
CA GLU A 127 -13.05 -2.96 3.80
C GLU A 127 -11.88 -3.66 4.51
N GLN A 128 -11.93 -3.65 5.83
CA GLN A 128 -10.85 -4.24 6.61
C GLN A 128 -10.55 -5.67 6.14
N GLU A 129 -11.59 -6.46 5.87
CA GLU A 129 -11.39 -7.85 5.47
C GLU A 129 -10.63 -7.95 4.15
N ASP A 130 -10.76 -6.93 3.28
CA ASP A 130 -10.11 -6.95 1.97
C ASP A 130 -8.64 -6.57 2.01
N LEU A 131 -8.16 -6.02 3.12
CA LEU A 131 -6.89 -5.31 3.17
C LEU A 131 -5.87 -6.00 4.07
N VAL A 132 -4.63 -6.01 3.62
CA VAL A 132 -3.48 -6.24 4.47
C VAL A 132 -2.63 -5.00 4.37
N GLU A 133 -2.63 -4.18 5.43
CA GLU A 133 -1.83 -2.97 5.47
C GLU A 133 -0.47 -3.36 6.04
N ALA A 134 0.45 -3.68 5.14
CA ALA A 134 1.71 -4.30 5.53
C ALA A 134 2.55 -3.41 6.42
N HIS A 135 2.40 -2.09 6.30
CA HIS A 135 3.14 -1.16 7.16
C HIS A 135 2.20 -0.36 8.06
N GLY A 136 1.00 -0.90 8.32
CA GLY A 136 0.03 -0.20 9.14
C GLY A 136 -0.63 0.94 8.40
N THR A 137 -1.25 1.83 9.17
CA THR A 137 -2.07 2.88 8.57
C THR A 137 -2.27 4.01 9.56
N PHE A 138 -2.53 5.21 9.03
CA PHE A 138 -2.99 6.33 9.84
C PHE A 138 -4.48 6.28 10.15
N TYR A 139 -5.19 5.27 9.62
CA TYR A 139 -6.65 5.23 9.77
C TYR A 139 -7.06 5.19 11.22
N THR A 140 -6.29 4.49 12.05
CA THR A 140 -6.54 4.43 13.47
C THR A 140 -5.23 4.69 14.20
N SER A 141 -5.37 5.07 15.46
CA SER A 141 -4.25 5.27 16.37
C SER A 141 -4.59 4.60 17.68
N HIS A 142 -3.55 4.27 18.45
CA HIS A 142 -3.73 3.62 19.75
C HIS A 142 -2.83 4.22 20.80
N CYS A 143 -3.39 4.35 22.00
CA CYS A 143 -2.60 4.49 23.21
C CYS A 143 -1.50 3.44 23.22
N VAL A 144 -0.28 3.86 23.58
CA VAL A 144 0.85 2.93 23.53
C VAL A 144 0.99 2.10 24.80
N SER A 145 0.19 2.38 25.83
CA SER A 145 0.29 1.61 27.05
C SER A 145 -0.37 0.24 26.88
N ALA A 146 0.39 -0.82 27.18
CA ALA A 146 -0.05 -2.18 26.87
C ALA A 146 -1.34 -2.52 27.60
N SER A 147 -1.56 -1.96 28.80
CA SER A 147 -2.74 -2.26 29.59
CA SER A 147 -2.74 -2.28 29.60
C SER A 147 -3.96 -1.45 29.20
N CYS A 148 -3.80 -0.51 28.28
CA CYS A 148 -4.89 0.40 27.92
C CYS A 148 -5.26 0.23 26.44
N ARG A 149 -4.42 0.70 25.52
CA ARG A 149 -4.62 0.48 24.08
C ARG A 149 -5.91 1.11 23.58
N HIS A 150 -6.35 2.19 24.21
CA HIS A 150 -7.51 2.93 23.71
C HIS A 150 -7.30 3.32 22.26
N GLU A 151 -8.32 3.10 21.43
CA GLU A 151 -8.25 3.37 20.00
C GLU A 151 -8.86 4.74 19.69
N TYR A 152 -8.20 5.50 18.81
CA TYR A 152 -8.68 6.81 18.41
C TYR A 152 -8.74 6.91 16.89
N PRO A 153 -9.77 7.56 16.35
CA PRO A 153 -9.90 7.68 14.90
C PRO A 153 -8.99 8.77 14.35
N LEU A 154 -8.83 8.75 13.02
CA LEU A 154 -7.96 9.72 12.38
C LEU A 154 -8.40 11.16 12.61
N SER A 155 -9.71 11.42 12.71
CA SER A 155 -10.16 12.79 12.98
C SER A 155 -9.59 13.31 14.30
N TRP A 156 -9.55 12.46 15.33
CA TRP A 156 -8.97 12.83 16.61
C TRP A 156 -7.48 13.11 16.47
N MET A 157 -6.76 12.22 15.79
CA MET A 157 -5.33 12.37 15.59
C MET A 157 -4.99 13.59 14.73
N LYS A 158 -5.78 13.82 13.67
CA LYS A 158 -5.55 15.01 12.84
C LYS A 158 -5.63 16.28 13.68
N GLU A 159 -6.64 16.38 14.55
CA GLU A 159 -6.81 17.58 15.37
C GLU A 159 -5.60 17.80 16.26
N LYS A 160 -5.05 16.73 16.84
CA LYS A 160 -3.88 16.87 17.70
C LYS A 160 -2.66 17.31 16.89
N ILE A 161 -2.47 16.72 15.72
CA ILE A 161 -1.33 17.07 14.88
C ILE A 161 -1.39 18.53 14.47
N PHE A 162 -2.58 19.01 14.09
CA PHE A 162 -2.68 20.38 13.60
C PHE A 162 -2.61 21.41 14.72
N SER A 163 -3.10 21.08 15.91
CA SER A 163 -3.01 21.99 17.03
C SER A 163 -1.64 21.95 17.70
N GLU A 164 -0.74 21.08 17.21
CA GLU A 164 0.62 20.94 17.76
C GLU A 164 0.56 20.56 19.23
N VAL A 165 -0.41 19.73 19.57
CA VAL A 165 -0.55 19.16 20.91
C VAL A 165 -0.16 17.70 20.80
N THR A 166 0.85 17.27 21.55
CA THR A 166 1.25 15.87 21.51
C THR A 166 0.07 15.00 21.95
N PRO A 167 -0.36 14.04 21.14
CA PRO A 167 -1.58 13.29 21.47
C PRO A 167 -1.37 12.36 22.66
N LYS A 168 -2.25 12.51 23.66
CA LYS A 168 -2.21 11.72 24.88
C LYS A 168 -3.55 11.03 25.09
N CYS A 169 -3.50 9.85 25.69
CA CYS A 169 -4.69 9.03 25.92
C CYS A 169 -5.57 9.69 26.97
N GLU A 170 -6.88 9.77 26.68
CA GLU A 170 -7.80 10.36 27.66
C GLU A 170 -7.97 9.47 28.88
N ASP A 171 -7.73 8.16 28.75
CA ASP A 171 -7.91 7.25 29.88
C ASP A 171 -6.70 7.23 30.81
N CYS A 172 -5.49 7.23 30.25
CA CYS A 172 -4.30 6.98 31.05
C CYS A 172 -3.17 7.96 30.81
N GLN A 173 -3.33 8.92 29.90
CA GLN A 173 -2.38 9.98 29.59
C GLN A 173 -1.06 9.47 29.00
N SER A 174 -1.00 8.22 28.54
CA SER A 174 0.12 7.77 27.72
C SER A 174 0.05 8.38 26.32
N LEU A 175 1.18 8.29 25.61
CA LEU A 175 1.24 8.69 24.21
C LEU A 175 0.25 7.89 23.35
N VAL A 176 -0.34 8.55 22.36
CA VAL A 176 -1.16 7.89 21.36
C VAL A 176 -0.43 7.96 20.02
N LYS A 177 -0.26 6.81 19.39
CA LYS A 177 0.55 6.65 18.19
C LYS A 177 -0.32 6.22 17.01
N PRO A 178 -0.17 6.84 15.85
CA PRO A 178 -0.82 6.32 14.65
C PRO A 178 -0.39 4.88 14.41
N ASP A 179 -1.31 4.08 13.86
CA ASP A 179 -1.09 2.65 13.71
C ASP A 179 -0.19 2.31 12.54
N ILE A 180 0.77 3.16 12.22
CA ILE A 180 1.80 2.78 11.26
C ILE A 180 2.87 1.98 12.00
N VAL A 181 3.56 1.12 11.27
CA VAL A 181 4.62 0.32 11.86
C VAL A 181 5.90 1.15 11.82
N PHE A 182 6.35 1.61 12.99
CA PHE A 182 7.64 2.28 13.07
C PHE A 182 8.77 1.28 12.90
N PHE A 183 9.96 1.78 12.53
CA PHE A 183 11.12 0.90 12.53
C PHE A 183 11.33 0.37 13.94
N GLY A 184 11.65 -0.92 14.04
CA GLY A 184 11.82 -1.55 15.34
C GLY A 184 10.56 -2.17 15.92
N GLU A 185 9.39 -1.87 15.33
CA GLU A 185 8.15 -2.53 15.71
C GLU A 185 7.96 -3.83 14.93
N SER A 186 7.23 -4.76 15.53
CA SER A 186 6.85 -5.97 14.82
C SER A 186 5.99 -5.64 13.61
N LEU A 187 6.26 -6.33 12.52
CA LEU A 187 5.36 -6.28 11.38
C LEU A 187 4.03 -6.94 11.74
N PRO A 188 2.94 -6.56 11.07
CA PRO A 188 1.61 -7.03 11.50
C PRO A 188 1.46 -8.54 11.34
N ALA A 189 0.93 -9.17 12.39
CA ALA A 189 0.67 -10.61 12.30
C ALA A 189 -0.22 -10.93 11.11
N ARG A 190 -1.15 -10.03 10.78
CA ARG A 190 -2.07 -10.26 9.68
C ARG A 190 -1.34 -10.41 8.35
N PHE A 191 -0.21 -9.73 8.19
CA PHE A 191 0.56 -9.86 6.96
C PHE A 191 0.97 -11.31 6.72
N PHE A 192 1.49 -11.97 7.76
CA PHE A 192 1.99 -13.34 7.57
C PHE A 192 0.84 -14.35 7.56
N SER A 193 -0.18 -14.12 8.38
CA SER A 193 -1.34 -15.01 8.41
C SER A 193 -2.05 -15.03 7.06
N CYS A 194 -2.33 -13.85 6.51
CA CYS A 194 -3.06 -13.81 5.25
C CYS A 194 -2.21 -14.34 4.11
N MET A 195 -0.91 -14.02 4.11
CA MET A 195 -0.02 -14.53 3.08
C MET A 195 -0.05 -16.05 3.03
N GLN A 196 -0.10 -16.69 4.20
CA GLN A 196 -0.03 -18.15 4.24
C GLN A 196 -1.28 -18.79 3.66
N SER A 197 -2.40 -18.08 3.66
CA SER A 197 -3.65 -18.58 3.13
C SER A 197 -3.92 -18.10 1.71
N ASP A 198 -3.69 -16.81 1.47
CA ASP A 198 -4.15 -16.23 0.22
C ASP A 198 -3.42 -16.80 -0.99
N PHE A 199 -2.13 -17.08 -0.84
CA PHE A 199 -1.38 -17.43 -2.05
C PHE A 199 -1.58 -18.88 -2.44
N LEU A 200 -2.32 -19.66 -1.65
CA LEU A 200 -2.80 -20.96 -2.08
C LEU A 200 -3.96 -20.83 -3.03
N LYS A 201 -4.58 -19.65 -3.09
CA LYS A 201 -5.87 -19.48 -3.71
C LYS A 201 -5.86 -18.52 -4.89
N VAL A 202 -4.72 -17.91 -5.20
CA VAL A 202 -4.68 -16.78 -6.10
C VAL A 202 -4.61 -17.26 -7.55
N ASP A 203 -5.36 -16.56 -8.43
CA ASP A 203 -5.32 -16.81 -9.87
C ASP A 203 -4.58 -15.74 -10.66
N LEU A 204 -4.40 -14.56 -10.09
CA LEU A 204 -3.82 -13.42 -10.78
C LEU A 204 -3.21 -12.51 -9.73
N LEU A 205 -1.97 -12.10 -9.95
CA LEU A 205 -1.34 -11.06 -9.14
C LEU A 205 -1.32 -9.77 -9.94
N LEU A 206 -1.92 -8.72 -9.39
CA LEU A 206 -1.85 -7.38 -9.96
CA LEU A 206 -1.84 -7.37 -9.97
C LEU A 206 -0.92 -6.56 -9.08
N VAL A 207 0.26 -6.22 -9.62
CA VAL A 207 1.33 -5.56 -8.89
C VAL A 207 1.40 -4.12 -9.39
N MET A 208 0.92 -3.17 -8.59
CA MET A 208 0.75 -1.82 -9.10
C MET A 208 1.46 -0.80 -8.21
N GLY A 209 2.26 0.05 -8.83
CA GLY A 209 2.86 1.17 -8.10
C GLY A 209 3.85 0.77 -7.03
N THR A 210 4.54 -0.34 -7.21
CA THR A 210 5.60 -0.71 -6.29
C THR A 210 6.84 -1.11 -7.08
N SER A 211 8.00 -0.62 -6.63
CA SER A 211 9.27 -1.01 -7.22
C SER A 211 9.82 -2.31 -6.65
N LEU A 212 9.10 -2.94 -5.71
CA LEU A 212 9.46 -4.25 -5.17
C LEU A 212 10.88 -4.26 -4.61
N GLN A 213 11.22 -3.22 -3.84
CA GLN A 213 12.56 -3.08 -3.29
C GLN A 213 12.63 -3.20 -1.77
N VAL A 214 11.49 -3.28 -1.09
CA VAL A 214 11.44 -3.33 0.37
C VAL A 214 10.86 -4.66 0.79
N GLN A 215 11.59 -5.37 1.62
CA GLN A 215 11.23 -6.64 2.20
C GLN A 215 10.51 -6.45 3.54
N PRO A 216 9.62 -7.36 3.90
CA PRO A 216 9.25 -8.59 3.21
C PRO A 216 8.20 -8.42 2.12
N PHE A 217 7.67 -7.20 1.93
CA PHE A 217 6.61 -7.00 0.94
C PHE A 217 7.02 -7.51 -0.45
N ALA A 218 8.25 -7.20 -0.86
CA ALA A 218 8.67 -7.56 -2.21
C ALA A 218 8.66 -9.06 -2.42
N SER A 219 8.90 -9.84 -1.36
CA SER A 219 8.92 -11.29 -1.48
C SER A 219 7.54 -11.88 -1.80
N LEU A 220 6.47 -11.10 -1.70
CA LEU A 220 5.14 -11.66 -1.95
C LEU A 220 5.01 -12.20 -3.37
N ILE A 221 5.76 -11.64 -4.33
CA ILE A 221 5.57 -12.12 -5.69
C ILE A 221 6.05 -13.57 -5.82
N SER A 222 7.01 -13.99 -4.99
CA SER A 222 7.53 -15.34 -5.02
C SER A 222 6.62 -16.34 -4.30
N LYS A 223 5.55 -15.88 -3.67
CA LYS A 223 4.62 -16.77 -2.99
C LYS A 223 3.50 -17.24 -3.90
N ALA A 224 3.38 -16.69 -5.10
CA ALA A 224 2.34 -17.15 -5.99
C ALA A 224 2.70 -18.54 -6.54
N PRO A 225 1.69 -19.36 -6.80
CA PRO A 225 1.92 -20.60 -7.56
C PRO A 225 2.64 -20.30 -8.86
N LEU A 226 3.36 -21.32 -9.36
CA LEU A 226 4.16 -21.16 -10.57
C LEU A 226 3.31 -20.76 -11.78
N SER A 227 2.05 -21.16 -11.82
CA SER A 227 1.25 -20.88 -13.01
C SER A 227 0.61 -19.49 -12.99
N THR A 228 0.54 -18.85 -11.83
CA THR A 228 -0.27 -17.64 -11.67
C THR A 228 0.31 -16.47 -12.47
N PRO A 229 -0.43 -15.90 -13.42
CA PRO A 229 0.07 -14.72 -14.12
C PRO A 229 0.28 -13.55 -13.17
N ARG A 230 1.28 -12.74 -13.48
CA ARG A 230 1.62 -11.57 -12.67
C ARG A 230 1.73 -10.38 -13.59
N LEU A 231 0.85 -9.40 -13.41
CA LEU A 231 0.85 -8.18 -14.19
C LEU A 231 1.42 -7.05 -13.34
N LEU A 232 2.50 -6.42 -13.84
CA LEU A 232 3.07 -5.22 -13.23
C LEU A 232 2.56 -3.99 -13.97
N ILE A 233 1.89 -3.09 -13.26
CA ILE A 233 1.52 -1.78 -13.80
C ILE A 233 2.33 -0.76 -13.01
N ASN A 234 3.31 -0.13 -13.65
CA ASN A 234 4.25 0.70 -12.89
C ASN A 234 4.99 1.60 -13.86
N LYS A 235 5.51 2.73 -13.36
CA LYS A 235 6.24 3.62 -14.25
C LYS A 235 7.50 2.98 -14.79
N GLU A 236 8.13 2.10 -14.00
CA GLU A 236 9.37 1.45 -14.36
C GLU A 236 9.26 -0.06 -14.15
N LYS A 237 9.97 -0.81 -14.98
CA LYS A 237 10.03 -2.25 -14.79
C LYS A 237 10.65 -2.57 -13.44
N ALA A 238 10.11 -3.57 -12.77
CA ALA A 238 10.55 -3.92 -11.42
C ALA A 238 10.32 -5.41 -11.17
N GLY A 239 11.02 -5.93 -10.16
CA GLY A 239 10.80 -7.29 -9.72
C GLY A 239 11.72 -8.33 -10.32
N GLN A 240 12.56 -7.96 -11.27
CA GLN A 240 13.48 -8.90 -11.89
C GLN A 240 14.61 -9.23 -10.93
N SER A 241 15.22 -10.40 -11.14
CA SER A 241 16.34 -10.81 -10.29
C SER A 241 17.51 -9.84 -10.45
N ASP A 242 18.28 -9.69 -9.37
CA ASP A 242 19.45 -8.81 -9.38
C ASP A 242 20.64 -9.57 -9.93
N PRO A 243 21.21 -9.17 -11.08
CA PRO A 243 22.34 -9.93 -11.65
C PRO A 243 23.54 -9.99 -10.73
N PHE A 244 23.66 -9.08 -9.76
CA PHE A 244 24.81 -9.06 -8.87
C PHE A 244 24.68 -10.08 -7.74
N LEU A 245 23.46 -10.43 -7.37
CA LEU A 245 23.23 -11.36 -6.27
C LEU A 245 23.03 -12.79 -6.78
N GLY A 254 12.01 -14.26 -9.22
CA GLY A 254 11.87 -12.93 -9.77
C GLY A 254 10.94 -12.88 -10.96
N MET A 255 10.56 -11.67 -11.34
CA MET A 255 9.80 -11.47 -12.57
C MET A 255 10.66 -11.80 -13.78
N ASP A 256 10.07 -12.48 -14.76
CA ASP A 256 10.71 -12.73 -16.05
C ASP A 256 9.77 -12.23 -17.12
N PHE A 257 9.99 -11.01 -17.59
CA PHE A 257 9.12 -10.45 -18.62
C PHE A 257 9.59 -10.76 -20.03
N ASP A 258 10.92 -10.85 -20.23
CA ASP A 258 11.51 -10.62 -21.55
C ASP A 258 12.37 -11.75 -22.08
N SER A 259 12.67 -12.79 -21.29
CA SER A 259 13.49 -13.86 -21.82
C SER A 259 12.66 -14.79 -22.69
N LYS A 260 13.35 -15.68 -23.41
CA LYS A 260 12.68 -16.74 -24.15
C LYS A 260 11.98 -17.73 -23.24
N LYS A 261 12.26 -17.70 -21.94
CA LYS A 261 11.60 -18.56 -20.97
C LYS A 261 10.41 -17.89 -20.30
N ALA A 262 10.16 -16.62 -20.62
CA ALA A 262 9.02 -15.91 -20.02
C ALA A 262 7.72 -16.59 -20.41
N TYR A 263 6.80 -16.71 -19.45
CA TYR A 263 5.56 -17.42 -19.73
C TYR A 263 4.36 -16.84 -18.99
N ARG A 264 4.56 -15.95 -18.02
CA ARG A 264 3.42 -15.53 -17.21
C ARG A 264 3.47 -14.09 -16.68
N ASP A 265 4.60 -13.39 -16.86
CA ASP A 265 4.76 -12.06 -16.29
C ASP A 265 4.64 -11.03 -17.40
N VAL A 266 3.89 -9.96 -17.12
CA VAL A 266 3.59 -8.92 -18.08
C VAL A 266 3.88 -7.58 -17.40
N ALA A 267 4.57 -6.68 -18.10
CA ALA A 267 4.85 -5.33 -17.62
C ALA A 267 4.12 -4.33 -18.49
N TRP A 268 3.31 -3.49 -17.87
CA TRP A 268 2.68 -2.34 -18.52
C TRP A 268 3.33 -1.12 -17.90
N LEU A 269 4.10 -0.39 -18.70
CA LEU A 269 4.95 0.69 -18.20
C LEU A 269 4.27 2.03 -18.47
N GLY A 270 3.93 2.74 -17.40
CA GLY A 270 3.27 4.00 -17.51
C GLY A 270 2.70 4.40 -16.16
N GLU A 271 1.90 5.45 -16.17
CA GLU A 271 1.22 5.86 -14.95
C GLU A 271 0.19 4.82 -14.53
N CYS A 272 0.12 4.56 -13.22
CA CYS A 272 -0.76 3.51 -12.73
C CYS A 272 -2.21 3.77 -13.10
N ASP A 273 -2.66 5.03 -12.98
CA ASP A 273 -4.04 5.35 -13.34
C ASP A 273 -4.32 4.99 -14.78
N GLN A 274 -3.37 5.28 -15.68
CA GLN A 274 -3.59 5.00 -17.08
C GLN A 274 -3.58 3.50 -17.36
N GLY A 275 -2.74 2.74 -16.65
CA GLY A 275 -2.73 1.31 -16.85
C GLY A 275 -4.02 0.68 -16.37
N CYS A 276 -4.49 1.11 -15.20
CA CYS A 276 -5.76 0.58 -14.70
C CYS A 276 -6.91 0.97 -15.62
N LEU A 277 -6.87 2.19 -16.16
CA LEU A 277 -7.91 2.59 -17.10
C LEU A 277 -7.86 1.74 -18.35
N ALA A 278 -6.64 1.46 -18.86
CA ALA A 278 -6.52 0.64 -20.06
C ALA A 278 -7.06 -0.77 -19.81
N LEU A 279 -6.73 -1.35 -18.65
CA LEU A 279 -7.21 -2.69 -18.34
C LEU A 279 -8.74 -2.68 -18.19
N ALA A 280 -9.28 -1.71 -17.44
CA ALA A 280 -10.72 -1.60 -17.32
C ALA A 280 -11.39 -1.49 -18.68
N GLU A 281 -10.78 -0.70 -19.58
CA GLU A 281 -11.38 -0.52 -20.90
C GLU A 281 -11.43 -1.83 -21.68
N LEU A 282 -10.35 -2.61 -21.64
CA LEU A 282 -10.35 -3.92 -22.28
C LEU A 282 -11.44 -4.82 -21.70
N LEU A 283 -11.68 -4.72 -20.39
CA LEU A 283 -12.68 -5.56 -19.74
C LEU A 283 -14.10 -5.09 -19.96
N GLY A 284 -14.31 -3.95 -20.64
CA GLY A 284 -15.65 -3.42 -20.75
C GLY A 284 -16.12 -2.66 -19.53
N TRP A 285 -15.19 -2.26 -18.65
CA TRP A 285 -15.53 -1.62 -17.39
C TRP A 285 -15.28 -0.11 -17.40
N LYS A 286 -14.91 0.47 -18.55
CA LYS A 286 -14.47 1.88 -18.52
C LYS A 286 -15.60 2.79 -18.06
N LYS A 287 -16.82 2.61 -18.58
CA LYS A 287 -17.92 3.47 -18.15
C LYS A 287 -18.20 3.29 -16.66
N GLU A 288 -18.19 2.04 -16.18
CA GLU A 288 -18.42 1.80 -14.75
C GLU A 288 -17.36 2.48 -13.91
N LEU A 289 -16.10 2.42 -14.35
CA LEU A 289 -15.02 3.02 -13.58
C LEU A 289 -15.09 4.54 -13.63
N GLU A 290 -15.38 5.12 -14.80
CA GLU A 290 -15.55 6.56 -14.89
C GLU A 290 -16.69 7.03 -13.99
N ASP A 291 -17.81 6.31 -14.03
CA ASP A 291 -18.97 6.72 -13.23
C ASP A 291 -18.67 6.64 -11.75
N LEU A 292 -17.99 5.58 -11.32
CA LEU A 292 -17.63 5.42 -9.92
C LEU A 292 -16.68 6.54 -9.49
N VAL A 293 -15.62 6.76 -10.26
CA VAL A 293 -14.63 7.77 -9.88
C VAL A 293 -15.27 9.15 -9.84
N ARG A 294 -16.06 9.49 -10.86
CA ARG A 294 -16.60 10.85 -10.91
C ARG A 294 -17.55 11.10 -9.76
N ARG A 295 -18.34 10.09 -9.39
CA ARG A 295 -19.26 10.19 -8.27
CA ARG A 295 -19.27 10.19 -8.27
C ARG A 295 -18.53 10.33 -6.95
N GLU A 296 -17.52 9.49 -6.71
CA GLU A 296 -16.83 9.55 -5.44
C GLU A 296 -15.99 10.81 -5.32
N HIS A 297 -15.32 11.22 -6.40
CA HIS A 297 -14.60 12.50 -6.37
C HIS A 297 -15.55 13.67 -6.13
N ALA A 298 -16.73 13.66 -6.76
CA ALA A 298 -17.68 14.75 -6.52
C ALA A 298 -18.11 14.77 -5.07
N SER A 299 -18.31 13.58 -4.48
CA SER A 299 -18.72 13.46 -3.09
C SER A 299 -17.65 14.01 -2.16
N ILE A 300 -16.38 13.69 -2.44
CA ILE A 300 -15.30 14.18 -1.61
C ILE A 300 -15.13 15.68 -1.77
N ASP A 301 -15.23 16.18 -3.00
CA ASP A 301 -15.08 17.61 -3.23
C ASP A 301 -16.15 18.41 -2.50
N ALA A 302 -17.32 17.79 -2.28
CA ALA A 302 -18.46 18.48 -1.69
C ALA A 302 -18.45 18.44 -0.18
N GLN A 303 -17.51 17.73 0.45
CA GLN A 303 -17.48 17.61 1.91
C GLN A 303 -17.36 18.97 2.59
N LEU B 3 7.24 -12.10 15.91
N LEU B 3 7.24 -12.10 15.90
CA LEU B 3 7.16 -11.60 14.53
CA LEU B 3 7.15 -11.58 14.54
C LEU B 3 8.41 -10.80 14.18
C LEU B 3 8.41 -10.80 14.18
N PRO B 4 8.80 -10.83 12.90
N PRO B 4 8.78 -10.84 12.89
CA PRO B 4 9.95 -10.04 12.46
CA PRO B 4 9.95 -10.06 12.45
C PRO B 4 9.70 -8.55 12.68
C PRO B 4 9.75 -8.58 12.67
N LYS B 5 10.78 -7.84 13.00
N LYS B 5 10.83 -7.90 13.03
CA LYS B 5 10.72 -6.40 13.21
CA LYS B 5 10.80 -6.45 13.22
C LYS B 5 10.97 -5.64 11.92
C LYS B 5 11.00 -5.71 11.90
N LYS B 6 10.33 -4.49 11.79
N LYS B 6 10.38 -4.54 11.80
CA LYS B 6 10.47 -3.66 10.57
CA LYS B 6 10.51 -3.71 10.57
C LYS B 6 11.87 -3.02 10.53
C LYS B 6 11.89 -3.03 10.54
N GLY B 8 15.06 -1.04 7.65
N GLY B 8 15.09 -1.06 7.66
CA GLY B 8 15.17 -0.23 6.45
CA GLY B 8 15.22 -0.27 6.45
C GLY B 8 14.98 -0.98 5.14
C GLY B 8 15.00 -1.02 5.16
N GLY B 9 15.55 -2.17 5.04
N GLY B 9 15.60 -2.20 5.04
CA GLY B 9 15.56 -2.94 3.77
CA GLY B 9 15.59 -2.98 3.77
C GLY B 9 14.23 -3.69 3.62
C GLY B 9 14.25 -3.70 3.62
#